data_4K4E
#
_entry.id   4K4E
#
_cell.length_a   42.440
_cell.length_b   73.264
_cell.length_c   149.059
_cell.angle_alpha   90
_cell.angle_beta   90
_cell.angle_gamma   90
#
_symmetry.space_group_name_H-M   'P 21 21 21'
#
loop_
_entity.id
_entity.type
_entity.pdbx_description
1 polymer Tankyrase-1
2 non-polymer 'ZINC ION'
3 non-polymer N~2~-(5-chloro-2-methoxyphenyl)-N-[trans-4-(2-oxo-2,3-dihydro-1H-benzimidazol-1-yl)cyclohexyl]glycinamide
4 water water
#
_entity_poly.entity_id   1
_entity_poly.type   'polypeptide(L)'
_entity_poly.pdbx_seq_one_letter_code
;QGTILLDLAPEDKEYQSVEEEMQSTIREHRDGGNAGGIFNRYNVIRIQKVVNKKLRERFCHRQKEVSEENHNHHNERMLF
HGSPFINAIIHKGFDERHAYIGGMFGAGIYFAENSSKSNQYVYGIGGGTGCPTHKDRSCYICHRQMLFCRVTLGKSFLQF
STMKMAHAPPGHHSVIGRPSVNGLAYAEYVIYRGEQAYPEYLITYQIMKPEHHHHHH
;
_entity_poly.pdbx_strand_id   A,B
#
# COMPACT_ATOMS: atom_id res chain seq x y z
N GLN A 1 22.32 14.75 -27.62
CA GLN A 1 22.93 14.76 -26.25
C GLN A 1 21.97 15.24 -25.16
N GLY A 2 21.43 16.44 -25.33
CA GLY A 2 20.54 16.98 -24.32
C GLY A 2 19.14 16.41 -24.37
N THR A 3 18.17 17.29 -24.25
CA THR A 3 16.76 16.90 -24.27
C THR A 3 16.11 17.46 -25.53
N ILE A 4 15.33 16.64 -26.21
CA ILE A 4 14.61 17.05 -27.40
C ILE A 4 13.16 17.18 -26.95
N LEU A 5 12.54 18.31 -27.24
CA LEU A 5 11.15 18.48 -26.88
C LEU A 5 10.32 18.31 -28.12
N LEU A 6 9.45 17.30 -28.11
CA LEU A 6 8.56 16.99 -29.25
C LEU A 6 7.11 17.40 -28.99
N ASP A 7 6.55 18.18 -29.90
CA ASP A 7 5.17 18.62 -29.79
C ASP A 7 4.29 17.45 -30.21
N LEU A 8 3.12 17.33 -29.60
CA LEU A 8 2.20 16.26 -29.96
C LEU A 8 1.02 16.94 -30.61
N ALA A 9 0.54 16.39 -31.71
CA ALA A 9 -0.59 16.98 -32.41
C ALA A 9 -1.83 16.68 -31.58
N PRO A 10 -2.72 17.68 -31.41
CA PRO A 10 -3.93 17.43 -30.63
C PRO A 10 -4.73 16.23 -31.12
N GLU A 11 -4.66 15.95 -32.42
CA GLU A 11 -5.41 14.82 -32.96
C GLU A 11 -4.66 13.51 -32.78
N ASP A 12 -3.56 13.52 -32.06
CA ASP A 12 -2.88 12.25 -31.84
C ASP A 12 -3.55 11.64 -30.61
N LYS A 13 -3.89 10.35 -30.65
CA LYS A 13 -4.55 9.68 -29.53
C LYS A 13 -3.72 9.85 -28.29
N GLU A 14 -2.41 10.06 -28.44
CA GLU A 14 -1.51 10.20 -27.30
C GLU A 14 -1.64 11.56 -26.62
N TYR A 15 -1.89 12.60 -27.41
CA TYR A 15 -2.07 13.94 -26.85
C TYR A 15 -3.36 13.80 -26.02
N GLN A 16 -4.42 13.37 -26.71
CA GLN A 16 -5.73 13.20 -26.12
C GLN A 16 -5.77 12.37 -24.84
N SER A 17 -4.92 11.34 -24.77
CA SER A 17 -4.88 10.48 -23.60
C SER A 17 -4.33 11.20 -22.36
N VAL A 18 -3.44 12.16 -22.58
CA VAL A 18 -2.83 12.91 -21.49
C VAL A 18 -3.71 14.09 -21.05
N GLU A 19 -4.30 14.81 -21.99
CA GLU A 19 -5.15 15.94 -21.62
C GLU A 19 -6.40 15.43 -20.91
N GLU A 20 -6.91 14.32 -21.40
CA GLU A 20 -8.10 13.72 -20.81
C GLU A 20 -7.84 13.38 -19.35
N GLU A 21 -6.65 12.87 -19.10
CA GLU A 21 -6.25 12.47 -17.76
C GLU A 21 -5.95 13.69 -16.87
N MET A 22 -5.62 14.82 -17.48
CA MET A 22 -5.34 16.02 -16.71
C MET A 22 -6.64 16.73 -16.32
N GLN A 23 -7.54 16.85 -17.29
CA GLN A 23 -8.83 17.51 -17.09
C GLN A 23 -9.72 16.72 -16.14
N SER A 24 -9.67 15.39 -16.23
CA SER A 24 -10.51 14.54 -15.40
C SER A 24 -10.01 14.29 -13.97
N THR A 25 -8.78 14.68 -13.65
CA THR A 25 -8.33 14.48 -12.29
C THR A 25 -8.27 15.81 -11.55
N ILE A 26 -9.20 16.68 -11.91
CA ILE A 26 -9.33 17.97 -11.26
C ILE A 26 -10.27 17.69 -10.10
N ARG A 27 -9.99 18.27 -8.94
CA ARG A 27 -10.87 18.01 -7.82
C ARG A 27 -10.96 19.18 -6.89
N GLU A 28 -11.99 19.15 -6.05
CA GLU A 28 -12.10 20.23 -5.12
C GLU A 28 -11.13 19.95 -4.02
N HIS A 29 -10.42 20.99 -3.66
CA HIS A 29 -9.47 20.94 -2.56
C HIS A 29 -10.24 21.89 -1.66
N ARG A 30 -10.35 21.57 -0.37
CA ARG A 30 -11.16 22.43 0.50
C ARG A 30 -10.43 23.75 0.68
N ASP A 31 -9.83 24.16 -0.43
CA ASP A 31 -8.97 25.33 -0.55
C ASP A 31 -9.70 26.66 -0.76
N GLY A 32 -10.78 26.75 -1.53
CA GLY A 32 -11.34 28.07 -1.75
C GLY A 32 -10.64 28.57 -2.99
N GLY A 33 -9.67 27.77 -3.48
CA GLY A 33 -8.91 28.16 -4.66
C GLY A 33 -7.62 28.92 -4.40
N ASN A 34 -7.31 29.10 -3.12
CA ASN A 34 -6.12 29.82 -2.68
C ASN A 34 -4.77 29.44 -3.29
N ALA A 35 -4.40 28.16 -3.22
CA ALA A 35 -3.12 27.69 -3.76
C ALA A 35 -3.01 27.71 -5.27
N GLY A 36 -3.85 26.95 -5.95
CA GLY A 36 -3.79 26.86 -7.39
C GLY A 36 -4.70 27.77 -8.21
N GLY A 37 -5.67 28.41 -7.55
CA GLY A 37 -6.57 29.30 -8.27
C GLY A 37 -7.98 28.77 -8.30
N ILE A 38 -8.90 29.57 -8.81
CA ILE A 38 -10.28 29.11 -8.88
C ILE A 38 -10.55 28.76 -10.33
N PHE A 39 -10.94 27.51 -10.54
CA PHE A 39 -11.20 27.00 -11.88
C PHE A 39 -11.84 25.63 -11.81
N ASN A 40 -12.25 25.10 -12.94
CA ASN A 40 -12.79 23.76 -12.96
C ASN A 40 -12.55 23.17 -14.34
N ARG A 41 -11.48 23.64 -14.97
CA ARG A 41 -11.08 23.18 -16.28
C ARG A 41 -9.84 23.98 -16.70
N TYR A 42 -8.98 23.37 -17.52
CA TYR A 42 -7.79 24.05 -17.96
C TYR A 42 -7.87 24.30 -19.46
N ASN A 43 -7.03 25.19 -19.95
CA ASN A 43 -6.93 25.45 -21.38
C ASN A 43 -5.55 24.86 -21.68
N VAL A 44 -5.53 23.61 -22.13
CA VAL A 44 -4.27 22.95 -22.43
C VAL A 44 -3.72 23.54 -23.72
N ILE A 45 -2.66 24.32 -23.56
CA ILE A 45 -2.02 25.03 -24.67
C ILE A 45 -1.04 24.21 -25.46
N ARG A 46 -0.45 23.20 -24.83
CA ARG A 46 0.56 22.44 -25.53
C ARG A 46 1.01 21.24 -24.71
N ILE A 47 1.31 20.15 -25.40
CA ILE A 47 1.79 18.95 -24.75
C ILE A 47 3.04 18.47 -25.49
N GLN A 48 4.18 18.50 -24.83
CA GLN A 48 5.43 18.06 -25.43
C GLN A 48 5.99 16.79 -24.79
N LYS A 49 6.56 15.92 -25.63
CA LYS A 49 7.15 14.71 -25.10
C LYS A 49 8.64 15.00 -24.91
N VAL A 50 9.12 14.70 -23.71
CA VAL A 50 10.53 14.94 -23.36
C VAL A 50 11.41 13.77 -23.71
N VAL A 51 12.20 13.90 -24.78
CA VAL A 51 13.08 12.82 -25.19
C VAL A 51 14.52 13.15 -24.86
N ASN A 52 15.13 12.29 -24.05
CA ASN A 52 16.52 12.41 -23.62
C ASN A 52 16.98 11.00 -23.38
N LYS A 53 18.01 10.59 -24.11
CA LYS A 53 18.58 9.26 -24.06
C LYS A 53 19.13 8.84 -22.71
N LYS A 54 20.07 9.62 -22.19
CA LYS A 54 20.69 9.31 -20.91
C LYS A 54 19.71 9.18 -19.77
N LEU A 55 18.68 10.03 -19.76
CA LEU A 55 17.67 9.97 -18.72
C LEU A 55 16.88 8.68 -18.79
N ARG A 56 16.52 8.27 -20.01
CA ARG A 56 15.76 7.05 -20.21
C ARG A 56 16.56 5.85 -19.70
N GLU A 57 17.84 5.82 -20.07
CA GLU A 57 18.73 4.75 -19.68
C GLU A 57 18.96 4.65 -18.17
N ARG A 58 19.19 5.79 -17.53
CA ARG A 58 19.38 5.79 -16.07
C ARG A 58 18.09 5.29 -15.44
N PHE A 59 16.95 5.75 -15.97
CA PHE A 59 15.63 5.39 -15.46
C PHE A 59 15.30 3.91 -15.68
N CYS A 60 15.70 3.34 -16.81
CA CYS A 60 15.42 1.94 -17.09
C CYS A 60 16.37 1.01 -16.33
N HIS A 61 17.57 1.48 -16.03
CA HIS A 61 18.50 0.66 -15.27
C HIS A 61 17.93 0.53 -13.87
N ARG A 62 17.55 1.65 -13.29
CA ARG A 62 17.00 1.64 -11.96
C ARG A 62 15.70 0.82 -11.86
N GLN A 63 14.88 0.87 -12.90
CA GLN A 63 13.63 0.14 -12.90
C GLN A 63 13.88 -1.36 -12.90
N LYS A 64 15.00 -1.78 -13.46
CA LYS A 64 15.33 -3.19 -13.48
C LYS A 64 15.73 -3.59 -12.07
N GLU A 65 16.57 -2.76 -11.44
CA GLU A 65 17.04 -3.02 -10.09
C GLU A 65 15.89 -3.18 -9.12
N VAL A 66 14.91 -2.28 -9.24
CA VAL A 66 13.74 -2.31 -8.38
C VAL A 66 12.91 -3.56 -8.65
N SER A 67 12.88 -4.03 -9.89
CA SER A 67 12.14 -5.25 -10.20
C SER A 67 12.79 -6.39 -9.42
N GLU A 68 14.09 -6.56 -9.64
CA GLU A 68 14.85 -7.60 -8.96
C GLU A 68 14.53 -7.62 -7.47
N GLU A 69 14.42 -6.44 -6.87
CA GLU A 69 14.15 -6.32 -5.44
C GLU A 69 12.72 -6.52 -5.04
N ASN A 70 11.79 -6.42 -5.99
CA ASN A 70 10.39 -6.52 -5.64
C ASN A 70 9.63 -7.64 -6.33
N HIS A 71 10.25 -8.80 -6.49
CA HIS A 71 9.60 -9.94 -7.14
C HIS A 71 9.18 -9.57 -8.54
N ASN A 72 10.15 -9.13 -9.32
CA ASN A 72 9.89 -8.77 -10.72
C ASN A 72 8.66 -7.87 -10.97
N HIS A 73 8.43 -6.88 -10.09
CA HIS A 73 7.34 -5.90 -10.23
C HIS A 73 7.90 -4.52 -9.99
N HIS A 74 8.13 -3.73 -11.03
CA HIS A 74 8.65 -2.39 -10.79
C HIS A 74 7.53 -1.44 -10.43
N ASN A 75 6.29 -1.87 -10.62
CA ASN A 75 5.12 -1.05 -10.28
C ASN A 75 5.20 0.36 -10.87
N GLU A 76 5.29 0.47 -12.20
CA GLU A 76 5.36 1.80 -12.82
C GLU A 76 4.00 2.46 -12.85
N ARG A 77 3.96 3.73 -12.51
CA ARG A 77 2.71 4.46 -12.49
C ARG A 77 2.87 5.86 -13.09
N MET A 78 1.89 6.28 -13.88
CA MET A 78 1.93 7.62 -14.49
C MET A 78 1.46 8.66 -13.48
N LEU A 79 2.33 9.61 -13.12
CA LEU A 79 1.93 10.62 -12.14
C LEU A 79 2.32 12.07 -12.48
N PHE A 80 1.52 13.00 -11.96
CA PHE A 80 1.75 14.42 -12.19
C PHE A 80 2.71 14.96 -11.14
N HIS A 81 3.45 15.99 -11.52
CA HIS A 81 4.40 16.66 -10.64
C HIS A 81 4.42 18.14 -10.99
N GLY A 82 4.26 18.97 -9.96
CA GLY A 82 4.30 20.39 -10.14
C GLY A 82 5.31 20.94 -9.16
N SER A 83 6.01 22.00 -9.57
CA SER A 83 7.04 22.68 -8.78
C SER A 83 7.65 23.75 -9.69
N PRO A 84 8.47 24.65 -9.13
CA PRO A 84 9.11 25.72 -9.89
C PRO A 84 10.41 25.34 -10.61
N PHE A 85 10.75 24.06 -10.63
CA PHE A 85 11.99 23.67 -11.29
C PHE A 85 11.76 22.81 -12.51
N ILE A 86 10.57 22.89 -13.07
CA ILE A 86 10.24 22.08 -14.24
C ILE A 86 11.24 22.20 -15.39
N ASN A 87 11.71 23.40 -15.68
CA ASN A 87 12.68 23.54 -16.78
C ASN A 87 13.99 22.84 -16.44
N ALA A 88 14.42 22.99 -15.19
CA ALA A 88 15.63 22.33 -14.75
C ALA A 88 15.47 20.82 -14.82
N ILE A 89 14.31 20.32 -14.39
CA ILE A 89 14.05 18.89 -14.40
C ILE A 89 14.02 18.27 -15.80
N ILE A 90 13.46 18.96 -16.76
CA ILE A 90 13.39 18.39 -18.09
C ILE A 90 14.71 18.32 -18.82
N HIS A 91 15.70 19.07 -18.35
CA HIS A 91 17.01 19.04 -18.98
C HIS A 91 17.99 18.13 -18.27
N LYS A 92 17.90 18.08 -16.95
CA LYS A 92 18.82 17.26 -16.18
C LYS A 92 18.17 16.11 -15.43
N GLY A 93 16.86 16.00 -15.54
CA GLY A 93 16.17 14.94 -14.85
C GLY A 93 15.88 15.28 -13.40
N PHE A 94 15.19 14.37 -12.73
CA PHE A 94 14.85 14.54 -11.33
C PHE A 94 16.09 14.33 -10.49
N ASP A 95 16.21 15.12 -9.43
CA ASP A 95 17.37 15.08 -8.55
C ASP A 95 17.06 15.25 -7.07
N GLU A 96 17.25 14.18 -6.30
CA GLU A 96 16.99 14.19 -4.87
C GLU A 96 17.92 15.10 -4.07
N ARG A 97 19.06 15.46 -4.65
CA ARG A 97 20.02 16.34 -3.99
C ARG A 97 19.45 17.75 -3.82
N HIS A 98 18.42 18.06 -4.61
CA HIS A 98 17.74 19.35 -4.51
C HIS A 98 16.49 19.17 -3.66
N ALA A 99 16.31 17.96 -3.08
CA ALA A 99 15.14 17.63 -2.26
C ALA A 99 15.14 18.18 -0.84
N TYR A 100 13.97 18.68 -0.46
CA TYR A 100 13.79 19.35 0.82
C TYR A 100 13.58 18.54 2.08
N ILE A 101 14.63 18.42 2.88
CA ILE A 101 14.58 17.71 4.15
C ILE A 101 13.21 17.90 4.84
N GLY A 102 12.81 19.15 5.07
CA GLY A 102 11.57 19.42 5.81
C GLY A 102 10.25 18.83 5.34
N GLY A 103 10.12 18.49 4.05
CA GLY A 103 8.87 17.94 3.53
C GLY A 103 8.11 16.98 4.44
N MET A 104 6.78 17.08 4.43
CA MET A 104 5.93 16.20 5.26
C MET A 104 6.39 14.74 5.34
N PHE A 105 6.86 14.19 4.23
CA PHE A 105 7.35 12.83 4.29
C PHE A 105 8.84 12.72 3.96
N GLY A 106 9.58 13.81 4.07
CA GLY A 106 11.01 13.75 3.85
C GLY A 106 11.64 14.36 2.61
N ALA A 107 12.96 14.19 2.51
CA ALA A 107 13.74 14.71 1.39
C ALA A 107 13.52 13.86 0.14
N GLY A 108 12.36 14.01 -0.49
CA GLY A 108 12.05 13.24 -1.67
C GLY A 108 11.44 14.09 -2.76
N ILE A 109 10.98 13.44 -3.82
CA ILE A 109 10.36 14.15 -4.91
C ILE A 109 8.91 13.72 -4.85
N TYR A 110 8.02 14.71 -4.81
CA TYR A 110 6.60 14.44 -4.66
C TYR A 110 5.76 14.39 -5.93
N PHE A 111 4.79 13.49 -5.92
CA PHE A 111 3.92 13.28 -7.07
C PHE A 111 2.50 13.06 -6.62
N ALA A 112 1.56 13.36 -7.51
CA ALA A 112 0.15 13.21 -7.24
C ALA A 112 -0.56 12.60 -8.44
N GLU A 113 -1.68 11.93 -8.20
CA GLU A 113 -2.42 11.36 -9.31
C GLU A 113 -3.49 12.34 -9.73
N ASN A 114 -3.62 13.42 -8.98
CA ASN A 114 -4.61 14.45 -9.28
C ASN A 114 -3.97 15.73 -9.82
N SER A 115 -4.21 16.03 -11.09
CA SER A 115 -3.65 17.23 -11.72
C SER A 115 -3.92 18.52 -10.94
N SER A 116 -5.10 18.65 -10.34
CA SER A 116 -5.42 19.86 -9.59
C SER A 116 -4.57 19.95 -8.34
N LYS A 117 -3.95 18.84 -7.97
CA LYS A 117 -3.12 18.85 -6.78
C LYS A 117 -1.71 19.37 -7.08
N SER A 118 -1.13 18.97 -8.22
CA SER A 118 0.19 19.44 -8.61
C SER A 118 0.16 20.88 -9.10
N ASN A 119 -1.01 21.32 -9.55
CA ASN A 119 -1.18 22.69 -10.03
C ASN A 119 -0.98 23.66 -8.88
N GLN A 120 -1.33 23.22 -7.67
CA GLN A 120 -1.21 24.06 -6.47
C GLN A 120 0.25 24.36 -6.22
N TYR A 121 1.12 23.50 -6.73
CA TYR A 121 2.54 23.67 -6.51
C TYR A 121 3.38 24.38 -7.54
N VAL A 122 2.78 24.69 -8.67
CA VAL A 122 3.48 25.35 -9.77
C VAL A 122 4.36 26.54 -9.39
N TYR A 123 3.87 27.40 -8.51
CA TYR A 123 4.66 28.55 -8.10
C TYR A 123 5.18 28.44 -6.67
N GLY A 124 5.50 27.23 -6.25
CA GLY A 124 6.03 27.04 -4.91
C GLY A 124 5.02 26.47 -3.92
N ILE A 125 5.49 26.25 -2.70
CA ILE A 125 4.68 25.70 -1.64
C ILE A 125 3.41 26.52 -1.37
N GLY A 126 2.26 25.87 -1.44
CA GLY A 126 1.01 26.57 -1.22
C GLY A 126 0.71 27.50 -2.39
N GLY A 127 1.61 27.51 -3.36
CA GLY A 127 1.42 28.36 -4.52
C GLY A 127 2.11 29.69 -4.34
N GLY A 128 3.06 29.72 -3.39
CA GLY A 128 3.80 30.94 -3.12
C GLY A 128 3.03 32.24 -3.28
N THR A 129 3.59 33.15 -4.06
CA THR A 129 2.96 34.45 -4.30
C THR A 129 2.32 34.51 -5.68
N GLY A 130 1.99 33.38 -6.26
CA GLY A 130 1.38 33.38 -7.57
C GLY A 130 2.40 33.60 -8.68
N CYS A 131 1.89 33.92 -9.87
CA CYS A 131 2.73 34.17 -11.04
C CYS A 131 3.73 35.30 -10.80
N PRO A 132 4.92 35.20 -11.42
CA PRO A 132 5.94 36.23 -11.27
C PRO A 132 5.49 37.61 -11.73
N THR A 133 4.78 37.66 -12.86
CA THR A 133 4.33 38.92 -13.43
C THR A 133 3.16 39.60 -12.70
N HIS A 134 2.26 38.80 -12.14
CA HIS A 134 1.12 39.39 -11.46
C HIS A 134 0.99 39.07 -9.97
N LYS A 135 1.95 38.35 -9.41
CA LYS A 135 1.89 37.98 -7.99
C LYS A 135 0.45 37.58 -7.69
N ASP A 136 -0.05 36.67 -8.49
CA ASP A 136 -1.42 36.18 -8.40
C ASP A 136 -1.47 34.65 -8.57
N ARG A 137 -1.93 33.96 -7.53
CA ARG A 137 -2.01 32.50 -7.57
C ARG A 137 -3.12 31.98 -8.46
N SER A 138 -4.02 32.87 -8.84
CA SER A 138 -5.15 32.47 -9.67
C SER A 138 -5.15 33.17 -11.01
N CYS A 139 -3.96 33.44 -11.52
CA CYS A 139 -3.78 34.12 -12.80
C CYS A 139 -4.29 33.29 -13.98
N TYR A 140 -5.18 33.88 -14.77
CA TYR A 140 -5.75 33.24 -15.94
C TYR A 140 -4.93 33.60 -17.17
N ILE A 141 -4.01 34.53 -16.98
CA ILE A 141 -3.16 35.00 -18.07
C ILE A 141 -1.92 34.15 -18.31
N CYS A 142 -1.01 34.12 -17.34
CA CYS A 142 0.23 33.38 -17.50
C CYS A 142 0.09 31.88 -17.77
N HIS A 143 1.05 31.35 -18.51
CA HIS A 143 1.08 29.94 -18.88
C HIS A 143 1.82 29.14 -17.83
N ARG A 144 1.24 28.03 -17.43
CA ARG A 144 1.82 27.16 -16.43
C ARG A 144 2.27 25.88 -17.07
N GLN A 145 3.14 25.15 -16.37
CA GLN A 145 3.63 23.88 -16.85
C GLN A 145 3.57 22.86 -15.73
N MET A 146 3.34 21.62 -16.09
CA MET A 146 3.32 20.54 -15.12
C MET A 146 3.79 19.32 -15.88
N LEU A 147 4.26 18.33 -15.14
CA LEU A 147 4.78 17.11 -15.73
C LEU A 147 3.88 15.93 -15.43
N PHE A 148 3.79 15.03 -16.41
CA PHE A 148 3.05 13.80 -16.25
C PHE A 148 4.18 12.81 -16.48
N CYS A 149 4.56 12.13 -15.41
CA CYS A 149 5.70 11.23 -15.48
C CYS A 149 5.49 9.78 -15.11
N ARG A 150 6.38 8.94 -15.64
CA ARG A 150 6.39 7.53 -15.34
C ARG A 150 7.12 7.46 -13.98
N VAL A 151 6.49 6.90 -12.96
CA VAL A 151 7.16 6.80 -11.67
C VAL A 151 7.30 5.36 -11.21
N THR A 152 8.53 4.90 -11.11
CA THR A 152 8.82 3.55 -10.65
C THR A 152 8.60 3.54 -9.14
N LEU A 153 7.50 2.93 -8.71
CA LEU A 153 7.17 2.85 -7.30
C LEU A 153 7.70 1.62 -6.57
N GLY A 154 7.92 0.55 -7.31
CA GLY A 154 8.39 -0.66 -6.66
C GLY A 154 7.41 -0.97 -5.54
N LYS A 155 7.94 -1.31 -4.38
CA LYS A 155 7.10 -1.61 -3.23
C LYS A 155 6.93 -0.32 -2.40
N SER A 156 5.69 0.19 -2.36
CA SER A 156 5.37 1.43 -1.66
C SER A 156 5.07 1.26 -0.19
N PHE A 157 5.70 2.10 0.64
CA PHE A 157 5.46 2.05 2.07
C PHE A 157 4.35 3.01 2.43
N LEU A 158 3.29 2.49 3.01
CA LEU A 158 2.20 3.35 3.41
C LEU A 158 2.54 3.94 4.78
N GLN A 159 2.85 5.23 4.79
CA GLN A 159 3.12 5.95 6.03
C GLN A 159 1.81 6.69 6.26
N PHE A 160 1.51 7.21 7.45
CA PHE A 160 0.19 7.90 7.54
C PHE A 160 0.11 9.10 8.51
N SER A 161 1.25 9.44 9.08
CA SER A 161 1.43 10.62 9.93
C SER A 161 2.85 10.91 9.55
N THR A 162 3.15 12.19 9.53
CA THR A 162 4.44 12.60 9.10
C THR A 162 5.59 11.88 9.73
N MET A 163 6.58 11.68 8.87
CA MET A 163 7.87 11.08 9.19
C MET A 163 8.87 11.58 8.19
N LYS A 164 9.67 12.54 8.61
CA LYS A 164 10.65 13.14 7.73
C LYS A 164 11.90 12.24 7.51
N MET A 165 11.70 11.24 6.68
CA MET A 165 12.73 10.28 6.24
C MET A 165 13.52 10.79 5.04
N ALA A 166 14.77 10.32 4.96
CA ALA A 166 15.75 10.71 3.93
C ALA A 166 15.83 9.63 2.83
N HIS A 167 15.23 8.46 3.08
CA HIS A 167 15.23 7.32 2.13
C HIS A 167 14.01 6.44 2.36
N ALA A 168 13.61 5.71 1.33
CA ALA A 168 12.46 4.84 1.49
C ALA A 168 12.82 3.88 2.63
N PRO A 169 11.80 3.35 3.35
CA PRO A 169 12.07 2.43 4.45
C PRO A 169 12.73 1.15 3.94
N PRO A 170 13.42 0.41 4.82
CA PRO A 170 14.08 -0.81 4.38
C PRO A 170 13.13 -1.73 3.64
N GLY A 171 13.58 -2.24 2.49
CA GLY A 171 12.74 -3.13 1.70
C GLY A 171 11.73 -2.47 0.78
N HIS A 172 11.55 -1.16 0.89
CA HIS A 172 10.59 -0.49 0.02
C HIS A 172 11.31 0.43 -0.98
N HIS A 173 10.58 1.01 -1.91
CA HIS A 173 11.17 1.89 -2.89
C HIS A 173 10.41 3.21 -3.06
N SER A 174 9.35 3.40 -2.29
CA SER A 174 8.57 4.63 -2.38
C SER A 174 7.70 4.80 -1.14
N VAL A 175 7.14 5.98 -0.98
CA VAL A 175 6.28 6.24 0.16
C VAL A 175 4.97 6.88 -0.29
N ILE A 176 3.86 6.42 0.27
CA ILE A 176 2.59 7.02 -0.07
C ILE A 176 1.91 7.53 1.18
N GLY A 177 1.81 8.85 1.30
CA GLY A 177 1.16 9.42 2.46
C GLY A 177 -0.21 9.89 2.03
N ARG A 178 -1.25 9.81 2.87
CA ARG A 178 -2.60 10.26 2.51
C ARG A 178 -2.98 11.48 3.27
N PRO A 179 -2.33 12.57 2.96
CA PRO A 179 -2.53 13.87 3.59
C PRO A 179 -3.84 14.60 3.60
N SER A 180 -4.08 15.33 4.70
CA SER A 180 -5.31 16.13 4.90
C SER A 180 -4.97 17.64 4.97
N ALA A 185 -8.96 12.77 2.61
CA ALA A 185 -8.00 13.61 1.86
C ALA A 185 -7.36 12.99 0.59
N TYR A 186 -6.11 13.35 0.25
CA TYR A 186 -5.54 12.80 -0.97
C TYR A 186 -4.19 12.16 -0.79
N ALA A 187 -3.73 11.45 -1.83
CA ALA A 187 -2.46 10.71 -1.80
C ALA A 187 -1.20 11.36 -2.37
N GLU A 188 -0.10 11.17 -1.65
CA GLU A 188 1.16 11.71 -2.07
C GLU A 188 2.12 10.57 -2.30
N TYR A 189 2.65 10.49 -3.52
CA TYR A 189 3.60 9.47 -3.88
C TYR A 189 4.97 10.12 -3.78
N VAL A 190 5.84 9.50 -3.00
CA VAL A 190 7.17 10.06 -2.81
C VAL A 190 8.32 9.14 -3.19
N ILE A 191 9.29 9.67 -3.91
CA ILE A 191 10.45 8.86 -4.21
C ILE A 191 11.66 9.59 -3.67
N TYR A 192 12.73 8.85 -3.44
CA TYR A 192 13.93 9.44 -2.87
C TYR A 192 15.12 9.27 -3.78
N ARG A 193 14.85 8.93 -5.04
CA ARG A 193 15.90 8.77 -6.04
C ARG A 193 15.42 9.38 -7.35
N GLY A 194 16.17 10.35 -7.86
CA GLY A 194 15.79 10.99 -9.10
C GLY A 194 15.48 10.01 -10.23
N GLU A 195 16.30 8.97 -10.36
CA GLU A 195 16.11 7.98 -11.44
C GLU A 195 14.85 7.09 -11.34
N GLN A 196 13.98 7.31 -10.37
CA GLN A 196 12.77 6.50 -10.29
C GLN A 196 11.59 7.20 -10.94
N ALA A 197 11.86 8.39 -11.48
CA ALA A 197 10.82 9.16 -12.16
C ALA A 197 11.39 9.66 -13.46
N TYR A 198 10.61 9.55 -14.53
CA TYR A 198 11.05 10.06 -15.83
C TYR A 198 9.99 11.06 -16.27
N PRO A 199 10.38 12.31 -16.53
CA PRO A 199 9.41 13.33 -16.95
C PRO A 199 8.98 13.20 -18.40
N GLU A 200 8.08 12.25 -18.65
CA GLU A 200 7.54 11.95 -19.97
C GLU A 200 6.89 13.10 -20.73
N TYR A 201 5.91 13.75 -20.13
CA TYR A 201 5.20 14.84 -20.83
C TYR A 201 5.29 16.21 -20.16
N LEU A 202 5.60 17.22 -20.95
CA LEU A 202 5.67 18.58 -20.47
C LEU A 202 4.40 19.25 -20.96
N ILE A 203 3.58 19.70 -20.02
CA ILE A 203 2.31 20.32 -20.34
C ILE A 203 2.23 21.81 -20.03
N THR A 204 1.92 22.57 -21.08
CA THR A 204 1.77 24.01 -20.96
C THR A 204 0.26 24.24 -20.98
N TYR A 205 -0.24 24.94 -19.98
CA TYR A 205 -1.66 25.17 -19.88
C TYR A 205 -1.99 26.40 -19.05
N GLN A 206 -3.29 26.72 -19.01
CA GLN A 206 -3.81 27.83 -18.23
C GLN A 206 -5.02 27.34 -17.47
N ILE A 207 -5.28 27.90 -16.29
CA ILE A 207 -6.48 27.53 -15.56
C ILE A 207 -7.54 28.44 -16.17
N MET A 208 -8.79 28.00 -16.21
CA MET A 208 -9.82 28.82 -16.80
C MET A 208 -10.87 29.33 -15.83
N LYS A 209 -11.16 30.63 -15.92
CA LYS A 209 -12.16 31.23 -15.07
C LYS A 209 -13.46 30.45 -15.15
N PRO A 210 -14.17 30.35 -14.02
CA PRO A 210 -15.43 29.61 -14.02
C PRO A 210 -16.40 30.28 -14.98
N GLU A 211 -17.15 29.49 -15.75
CA GLU A 211 -18.10 30.05 -16.69
C GLU A 211 -19.26 30.69 -15.93
N HIS A 212 -19.90 31.66 -16.57
CA HIS A 212 -21.02 32.37 -15.96
C HIS A 212 -22.14 32.57 -16.99
N GLN B 1 -14.78 -33.33 -3.51
CA GLN B 1 -15.85 -32.55 -2.81
C GLN B 1 -15.36 -31.93 -1.50
N GLY B 2 -14.30 -32.47 -0.91
CA GLY B 2 -13.87 -31.92 0.37
C GLY B 2 -12.47 -31.32 0.44
N THR B 3 -12.06 -31.02 1.67
CA THR B 3 -10.75 -30.46 1.91
C THR B 3 -9.76 -31.57 2.25
N ILE B 4 -8.56 -31.45 1.69
CA ILE B 4 -7.48 -32.40 1.94
C ILE B 4 -6.37 -31.66 2.68
N LEU B 5 -5.78 -32.32 3.66
CA LEU B 5 -4.66 -31.73 4.38
C LEU B 5 -3.42 -32.50 3.92
N LEU B 6 -2.44 -31.80 3.33
CA LEU B 6 -1.20 -32.42 2.87
C LEU B 6 -0.11 -32.16 3.90
N ASP B 7 0.41 -33.19 4.55
CA ASP B 7 1.45 -32.96 5.54
C ASP B 7 2.77 -32.60 4.87
N LEU B 8 3.53 -31.68 5.44
CA LEU B 8 4.81 -31.30 4.86
C LEU B 8 5.93 -31.98 5.63
N ALA B 9 6.95 -32.42 4.92
CA ALA B 9 8.08 -33.10 5.55
C ALA B 9 9.06 -32.10 6.17
N PRO B 10 9.46 -32.35 7.41
CA PRO B 10 10.39 -31.52 8.19
C PRO B 10 11.65 -31.11 7.41
N GLU B 11 12.06 -31.99 6.50
CA GLU B 11 13.25 -31.77 5.67
C GLU B 11 12.95 -30.90 4.47
N ASP B 12 11.67 -30.78 4.17
CA ASP B 12 11.19 -29.98 3.03
C ASP B 12 11.36 -28.49 3.29
N LYS B 13 12.00 -27.80 2.36
CA LYS B 13 12.22 -26.34 2.46
C LYS B 13 10.93 -25.62 2.81
N GLU B 14 9.84 -25.97 2.15
CA GLU B 14 8.57 -25.31 2.42
C GLU B 14 8.24 -25.33 3.90
N TYR B 15 8.32 -26.51 4.51
CA TYR B 15 8.07 -26.66 5.94
C TYR B 15 8.95 -25.67 6.69
N GLN B 16 10.25 -25.74 6.43
CA GLN B 16 11.23 -24.88 7.07
C GLN B 16 10.91 -23.40 6.96
N SER B 17 10.55 -23.00 5.75
CA SER B 17 10.20 -21.60 5.49
C SER B 17 9.03 -21.15 6.36
N VAL B 18 8.06 -22.04 6.60
CA VAL B 18 6.90 -21.71 7.42
C VAL B 18 7.12 -21.78 8.94
N GLU B 19 8.03 -22.64 9.40
CA GLU B 19 8.29 -22.71 10.85
C GLU B 19 9.10 -21.49 11.23
N GLU B 20 10.06 -21.15 10.38
CA GLU B 20 10.93 -20.01 10.60
C GLU B 20 10.12 -18.75 10.80
N GLU B 21 9.25 -18.47 9.83
CA GLU B 21 8.41 -17.30 9.88
C GLU B 21 7.61 -17.25 11.16
N MET B 22 7.24 -18.42 11.64
CA MET B 22 6.45 -18.50 12.85
C MET B 22 7.27 -18.19 14.09
N GLN B 23 8.40 -18.89 14.25
CA GLN B 23 9.26 -18.70 15.43
C GLN B 23 9.92 -17.33 15.42
N SER B 24 10.27 -16.83 14.23
CA SER B 24 10.95 -15.55 14.12
C SER B 24 10.06 -14.32 14.34
N THR B 25 8.75 -14.53 14.31
CA THR B 25 7.81 -13.43 14.49
C THR B 25 7.23 -13.39 15.90
N ILE B 26 7.81 -14.15 16.83
CA ILE B 26 7.29 -14.12 18.20
C ILE B 26 7.67 -12.77 18.80
N ARG B 27 6.93 -12.33 19.82
CA ARG B 27 7.24 -11.04 20.40
C ARG B 27 6.59 -10.66 21.70
N GLU B 28 7.43 -10.02 22.49
CA GLU B 28 7.12 -9.50 23.82
C GLU B 28 5.83 -8.71 23.87
N HIS B 29 4.77 -9.32 24.39
CA HIS B 29 3.51 -8.59 24.45
C HIS B 29 3.36 -7.69 25.65
N ARG B 30 2.32 -6.85 25.58
CA ARG B 30 1.98 -5.89 26.62
C ARG B 30 1.06 -6.51 27.66
N ASP B 31 0.98 -7.83 27.67
CA ASP B 31 0.09 -8.52 28.60
C ASP B 31 0.84 -8.98 29.86
N GLY B 32 1.32 -10.21 29.81
CA GLY B 32 2.05 -10.79 30.91
C GLY B 32 2.16 -12.26 30.56
N GLY B 33 1.76 -12.56 29.32
CA GLY B 33 1.75 -13.93 28.84
C GLY B 33 0.34 -14.36 29.24
N ASN B 34 -0.38 -13.37 29.77
CA ASN B 34 -1.73 -13.56 30.23
C ASN B 34 -2.67 -14.18 29.20
N ALA B 35 -2.69 -13.61 27.99
CA ALA B 35 -3.55 -14.11 26.92
C ALA B 35 -3.05 -15.39 26.29
N GLY B 36 -1.81 -15.35 25.80
CA GLY B 36 -1.23 -16.51 25.12
C GLY B 36 -0.24 -17.42 25.81
N GLY B 37 0.01 -17.18 27.09
CA GLY B 37 0.94 -18.03 27.82
C GLY B 37 2.35 -17.48 27.83
N ILE B 38 3.19 -18.03 28.70
CA ILE B 38 4.58 -17.58 28.79
C ILE B 38 5.52 -18.57 28.10
N PHE B 39 6.27 -18.07 27.11
CA PHE B 39 7.16 -18.91 26.33
C PHE B 39 8.01 -18.01 25.41
N ASN B 40 9.12 -18.55 24.91
CA ASN B 40 9.99 -17.82 23.99
C ASN B 40 10.12 -18.55 22.65
N ARG B 41 9.57 -19.76 22.55
CA ARG B 41 9.68 -20.53 21.33
C ARG B 41 8.52 -21.48 21.21
N TYR B 42 8.31 -22.01 20.01
CA TYR B 42 7.23 -22.96 19.81
C TYR B 42 7.82 -24.30 19.47
N ASN B 43 6.99 -25.33 19.59
CA ASN B 43 7.37 -26.67 19.19
C ASN B 43 6.39 -26.99 18.05
N VAL B 44 6.80 -26.76 16.82
CA VAL B 44 5.95 -27.03 15.65
C VAL B 44 5.90 -28.55 15.49
N ILE B 45 4.73 -29.11 15.75
CA ILE B 45 4.46 -30.54 15.70
C ILE B 45 4.05 -31.06 14.33
N ARG B 46 3.56 -30.17 13.46
CA ARG B 46 3.09 -30.58 12.16
C ARG B 46 2.66 -29.39 11.34
N ILE B 47 2.84 -29.46 10.03
CA ILE B 47 2.44 -28.37 9.16
C ILE B 47 1.79 -29.00 7.95
N GLN B 48 0.53 -28.67 7.73
CA GLN B 48 -0.20 -29.22 6.60
C GLN B 48 -0.75 -28.16 5.67
N LYS B 49 -0.67 -28.43 4.37
CA LYS B 49 -1.18 -27.52 3.36
C LYS B 49 -2.68 -27.83 3.23
N VAL B 50 -3.51 -26.79 3.12
CA VAL B 50 -4.95 -27.02 3.01
C VAL B 50 -5.35 -26.97 1.55
N VAL B 51 -5.75 -28.11 1.00
CA VAL B 51 -6.13 -28.15 -0.40
C VAL B 51 -7.64 -28.22 -0.62
N ASN B 52 -8.19 -27.18 -1.23
CA ASN B 52 -9.61 -27.12 -1.48
C ASN B 52 -9.82 -26.37 -2.79
N LYS B 53 -10.10 -27.12 -3.86
CA LYS B 53 -10.30 -26.52 -5.17
C LYS B 53 -11.41 -25.48 -5.20
N LYS B 54 -12.52 -25.74 -4.51
CA LYS B 54 -13.63 -24.79 -4.47
C LYS B 54 -13.25 -23.47 -3.81
N LEU B 55 -12.60 -23.55 -2.65
CA LEU B 55 -12.18 -22.37 -1.93
C LEU B 55 -11.18 -21.55 -2.75
N ARG B 56 -10.15 -22.17 -3.28
CA ARG B 56 -9.19 -21.40 -4.04
C ARG B 56 -9.87 -20.72 -5.23
N GLU B 57 -10.87 -21.37 -5.82
CA GLU B 57 -11.59 -20.76 -6.94
C GLU B 57 -12.12 -19.38 -6.55
N ARG B 58 -12.92 -19.35 -5.49
CA ARG B 58 -13.50 -18.09 -5.04
C ARG B 58 -12.37 -17.14 -4.69
N PHE B 59 -11.34 -17.66 -4.04
CA PHE B 59 -10.21 -16.86 -3.65
C PHE B 59 -9.57 -16.21 -4.85
N CYS B 60 -9.29 -17.02 -5.86
CA CYS B 60 -8.67 -16.53 -7.09
C CYS B 60 -9.52 -15.53 -7.85
N HIS B 61 -10.80 -15.83 -8.00
CA HIS B 61 -11.73 -14.94 -8.70
C HIS B 61 -11.73 -13.58 -8.01
N ARG B 62 -11.88 -13.58 -6.69
CA ARG B 62 -11.90 -12.33 -5.94
C ARG B 62 -10.57 -11.59 -6.13
N GLN B 63 -9.46 -12.32 -6.09
CA GLN B 63 -8.16 -11.69 -6.27
C GLN B 63 -8.15 -10.91 -7.58
N LYS B 64 -8.86 -11.42 -8.57
CA LYS B 64 -8.90 -10.73 -9.86
C LYS B 64 -9.84 -9.53 -9.85
N GLU B 65 -10.82 -9.53 -8.95
CA GLU B 65 -11.76 -8.41 -8.85
C GLU B 65 -11.05 -7.23 -8.19
N VAL B 66 -10.13 -7.55 -7.29
CA VAL B 66 -9.38 -6.55 -6.56
C VAL B 66 -8.33 -5.90 -7.46
N SER B 67 -7.64 -6.74 -8.24
CA SER B 67 -6.63 -6.24 -9.18
C SER B 67 -7.24 -5.15 -10.06
N GLU B 68 -8.36 -5.46 -10.69
CA GLU B 68 -9.03 -4.53 -11.58
C GLU B 68 -9.31 -3.21 -10.89
N GLU B 69 -9.89 -3.30 -9.70
CA GLU B 69 -10.23 -2.13 -8.90
C GLU B 69 -9.00 -1.48 -8.28
N ASN B 70 -7.85 -2.11 -8.39
CA ASN B 70 -6.67 -1.53 -7.76
C ASN B 70 -5.43 -1.47 -8.64
N HIS B 71 -5.46 -0.62 -9.64
CA HIS B 71 -4.34 -0.45 -10.54
C HIS B 71 -3.64 -1.78 -10.74
N ASN B 72 -4.43 -2.81 -11.01
CA ASN B 72 -3.91 -4.15 -11.24
C ASN B 72 -2.96 -4.74 -10.18
N HIS B 73 -3.16 -4.37 -8.91
CA HIS B 73 -2.36 -4.89 -7.80
C HIS B 73 -3.30 -5.52 -6.80
N HIS B 74 -3.15 -6.82 -6.55
CA HIS B 74 -4.05 -7.43 -5.58
C HIS B 74 -3.41 -7.45 -4.20
N ASN B 75 -2.15 -7.02 -4.16
CA ASN B 75 -1.37 -6.91 -2.93
C ASN B 75 -1.57 -8.01 -1.89
N GLU B 76 -1.18 -9.21 -2.28
CA GLU B 76 -1.29 -10.38 -1.42
C GLU B 76 -0.14 -10.48 -0.41
N ARG B 77 -0.43 -11.01 0.77
CA ARG B 77 0.59 -11.18 1.81
C ARG B 77 0.27 -12.39 2.64
N MET B 78 1.30 -13.08 3.11
CA MET B 78 1.13 -14.25 3.95
C MET B 78 1.03 -13.74 5.38
N LEU B 79 -0.13 -13.95 6.02
CA LEU B 79 -0.32 -13.48 7.39
C LEU B 79 -0.87 -14.59 8.29
N PHE B 80 -0.68 -14.46 9.60
CA PHE B 80 -1.16 -15.45 10.55
C PHE B 80 -2.58 -15.12 11.03
N HIS B 81 -3.31 -16.14 11.40
CA HIS B 81 -4.67 -15.98 11.91
C HIS B 81 -4.94 -17.06 12.96
N GLY B 82 -5.47 -16.65 14.10
CA GLY B 82 -5.79 -17.60 15.15
C GLY B 82 -7.14 -17.31 15.77
N SER B 83 -7.84 -18.38 16.14
CA SER B 83 -9.15 -18.28 16.74
C SER B 83 -9.67 -19.68 16.93
N PRO B 84 -10.75 -19.85 17.72
CA PRO B 84 -11.36 -21.16 17.99
C PRO B 84 -12.06 -21.77 16.79
N PHE B 85 -12.00 -21.11 15.64
CA PHE B 85 -12.73 -21.64 14.50
C PHE B 85 -11.90 -22.22 13.35
N ILE B 86 -10.63 -22.54 13.64
CA ILE B 86 -9.75 -23.09 12.63
C ILE B 86 -10.33 -24.30 11.91
N ASN B 87 -10.98 -25.18 12.65
CA ASN B 87 -11.55 -26.37 12.02
C ASN B 87 -12.72 -26.00 11.11
N ALA B 88 -13.40 -24.92 11.42
CA ALA B 88 -14.51 -24.48 10.59
C ALA B 88 -13.91 -23.88 9.32
N ILE B 89 -12.90 -23.04 9.50
CA ILE B 89 -12.24 -22.38 8.40
C ILE B 89 -11.60 -23.30 7.36
N ILE B 90 -10.80 -24.27 7.81
CA ILE B 90 -10.13 -25.17 6.85
C ILE B 90 -11.06 -26.02 6.01
N HIS B 91 -12.32 -26.14 6.43
CA HIS B 91 -13.30 -26.93 5.68
C HIS B 91 -14.29 -26.10 4.86
N LYS B 92 -14.68 -24.93 5.36
CA LYS B 92 -15.65 -24.10 4.66
C LYS B 92 -15.10 -22.74 4.24
N GLY B 93 -13.87 -22.43 4.64
CA GLY B 93 -13.27 -21.15 4.29
C GLY B 93 -13.61 -20.04 5.27
N PHE B 94 -13.01 -18.87 5.08
CA PHE B 94 -13.29 -17.74 5.96
C PHE B 94 -14.72 -17.30 5.66
N ASP B 95 -15.38 -16.73 6.65
CA ASP B 95 -16.78 -16.32 6.47
C ASP B 95 -17.11 -15.06 7.29
N GLU B 96 -17.36 -13.94 6.60
CA GLU B 96 -17.68 -12.68 7.27
C GLU B 96 -18.96 -12.72 8.09
N ARG B 97 -19.85 -13.64 7.77
CA ARG B 97 -21.12 -13.73 8.47
C ARG B 97 -20.93 -14.10 9.95
N HIS B 98 -19.76 -14.61 10.30
CA HIS B 98 -19.48 -14.98 11.69
C HIS B 98 -18.65 -13.94 12.43
N ALA B 99 -18.44 -12.78 11.81
CA ALA B 99 -17.63 -11.74 12.44
C ALA B 99 -18.46 -10.79 13.32
N TYR B 100 -17.85 -10.28 14.39
CA TYR B 100 -18.55 -9.40 15.33
C TYR B 100 -18.51 -7.91 15.03
N ILE B 101 -19.65 -7.26 15.20
CA ILE B 101 -19.71 -5.84 14.91
C ILE B 101 -18.68 -5.15 15.80
N GLY B 102 -18.82 -5.38 17.11
CA GLY B 102 -17.97 -4.73 18.12
C GLY B 102 -16.45 -4.84 18.11
N GLY B 103 -15.83 -5.59 17.19
CA GLY B 103 -14.39 -5.67 17.21
C GLY B 103 -13.77 -4.29 17.13
N MET B 104 -12.48 -4.21 17.46
CA MET B 104 -11.77 -2.94 17.42
C MET B 104 -11.90 -2.23 16.09
N PHE B 105 -12.10 -2.98 15.01
CA PHE B 105 -12.24 -2.36 13.70
C PHE B 105 -13.47 -2.84 12.91
N GLY B 106 -14.45 -3.36 13.64
CA GLY B 106 -15.67 -3.80 12.99
C GLY B 106 -15.73 -5.29 12.73
N ALA B 107 -16.78 -5.68 12.00
CA ALA B 107 -17.05 -7.06 11.66
C ALA B 107 -16.20 -7.57 10.51
N GLY B 108 -14.95 -7.90 10.83
CA GLY B 108 -14.07 -8.40 9.80
C GLY B 108 -13.25 -9.55 10.35
N ILE B 109 -12.37 -10.09 9.52
CA ILE B 109 -11.50 -11.19 9.93
C ILE B 109 -10.13 -10.55 10.08
N TYR B 110 -9.48 -10.83 11.23
CA TYR B 110 -8.18 -10.24 11.55
C TYR B 110 -6.98 -11.16 11.41
N PHE B 111 -5.91 -10.63 10.83
CA PHE B 111 -4.69 -11.39 10.64
C PHE B 111 -3.55 -10.58 11.27
N ALA B 112 -2.39 -11.20 11.45
CA ALA B 112 -1.26 -10.53 12.05
C ALA B 112 0.04 -11.01 11.44
N GLU B 113 1.02 -10.12 11.35
CA GLU B 113 2.31 -10.51 10.75
C GLU B 113 3.05 -11.34 11.79
N ASN B 114 2.68 -11.14 13.06
CA ASN B 114 3.31 -11.84 14.19
C ASN B 114 2.53 -13.04 14.72
N SER B 115 3.20 -14.17 14.75
CA SER B 115 2.60 -15.42 15.22
C SER B 115 2.15 -15.30 16.66
N SER B 116 3.00 -14.71 17.50
CA SER B 116 2.68 -14.53 18.91
C SER B 116 1.41 -13.74 19.09
N LYS B 117 1.10 -12.87 18.14
CA LYS B 117 -0.11 -12.08 18.26
C LYS B 117 -1.33 -12.97 18.02
N SER B 118 -1.28 -13.81 17.00
CA SER B 118 -2.43 -14.68 16.74
C SER B 118 -2.52 -15.75 17.83
N ASN B 119 -1.37 -16.14 18.38
CA ASN B 119 -1.33 -17.19 19.40
C ASN B 119 -2.22 -16.83 20.58
N GLN B 120 -2.50 -15.55 20.73
CA GLN B 120 -3.33 -15.08 21.83
C GLN B 120 -4.80 -15.39 21.69
N TYR B 121 -5.27 -15.47 20.45
CA TYR B 121 -6.69 -15.71 20.22
C TYR B 121 -7.07 -17.15 19.97
N VAL B 122 -6.07 -18.03 20.01
CA VAL B 122 -6.31 -19.43 19.77
C VAL B 122 -7.45 -19.96 20.64
N TYR B 123 -7.63 -19.38 21.83
CA TYR B 123 -8.72 -19.83 22.72
C TYR B 123 -9.87 -18.86 22.90
N GLY B 124 -9.83 -17.74 22.19
CA GLY B 124 -10.89 -16.77 22.32
C GLY B 124 -10.31 -15.43 22.70
N ILE B 125 -11.08 -14.36 22.55
CA ILE B 125 -10.58 -13.05 22.90
C ILE B 125 -10.03 -13.09 24.31
N GLY B 126 -8.91 -12.42 24.52
CA GLY B 126 -8.31 -12.39 25.84
C GLY B 126 -7.60 -13.68 26.21
N GLY B 127 -7.81 -14.72 25.42
CA GLY B 127 -7.18 -15.99 25.70
C GLY B 127 -8.25 -16.95 26.23
N GLY B 128 -9.49 -16.49 26.17
CA GLY B 128 -10.60 -17.30 26.63
C GLY B 128 -10.29 -17.91 27.97
N THR B 129 -10.90 -19.06 28.19
CA THR B 129 -10.74 -19.79 29.44
C THR B 129 -9.59 -20.78 29.28
N GLY B 130 -8.55 -20.37 28.55
CA GLY B 130 -7.40 -21.24 28.33
C GLY B 130 -7.80 -22.53 27.66
N CYS B 131 -6.92 -23.52 27.72
CA CYS B 131 -7.19 -24.80 27.09
C CYS B 131 -8.41 -25.53 27.67
N PRO B 132 -9.12 -26.30 26.84
CA PRO B 132 -10.31 -27.06 27.21
C PRO B 132 -10.05 -27.95 28.42
N THR B 133 -9.18 -28.94 28.22
CA THR B 133 -8.86 -29.90 29.24
C THR B 133 -8.27 -29.38 30.55
N HIS B 134 -7.47 -28.32 30.50
CA HIS B 134 -6.88 -27.82 31.75
C HIS B 134 -7.25 -26.38 32.09
N LYS B 135 -8.30 -25.85 31.49
CA LYS B 135 -8.68 -24.47 31.79
C LYS B 135 -7.40 -23.66 32.02
N ASP B 136 -6.44 -23.81 31.10
CA ASP B 136 -5.14 -23.16 31.20
C ASP B 136 -4.87 -22.31 29.97
N ARG B 137 -4.44 -21.06 30.16
CA ARG B 137 -4.16 -20.22 29.00
C ARG B 137 -2.72 -20.44 28.60
N SER B 138 -1.92 -20.81 29.59
CA SER B 138 -0.50 -21.04 29.39
C SER B 138 -0.15 -22.52 29.21
N CYS B 139 -1.16 -23.36 29.08
CA CYS B 139 -0.93 -24.81 28.95
C CYS B 139 0.16 -25.23 27.96
N TYR B 140 1.09 -26.06 28.44
CA TYR B 140 2.20 -26.54 27.61
C TYR B 140 1.97 -27.94 27.11
N ILE B 141 0.81 -28.49 27.46
CA ILE B 141 0.50 -29.85 27.04
C ILE B 141 -0.36 -29.86 25.79
N CYS B 142 -1.58 -29.33 25.90
CA CYS B 142 -2.51 -29.32 24.79
C CYS B 142 -1.97 -28.71 23.51
N HIS B 143 -2.29 -29.31 22.38
CA HIS B 143 -1.82 -28.82 21.09
C HIS B 143 -2.69 -27.69 20.56
N ARG B 144 -2.03 -26.72 19.93
CA ARG B 144 -2.73 -25.57 19.38
C ARG B 144 -2.53 -25.61 17.88
N GLN B 145 -3.35 -24.84 17.18
CA GLN B 145 -3.25 -24.74 15.73
C GLN B 145 -3.39 -23.28 15.34
N MET B 146 -2.79 -22.89 14.23
CA MET B 146 -2.97 -21.52 13.78
C MET B 146 -2.75 -21.57 12.28
N LEU B 147 -3.25 -20.56 11.59
CA LEU B 147 -3.13 -20.51 10.15
C LEU B 147 -2.17 -19.46 9.60
N PHE B 148 -1.46 -19.82 8.55
CA PHE B 148 -0.54 -18.90 7.87
C PHE B 148 -1.21 -18.86 6.50
N CYS B 149 -2.01 -17.81 6.29
CA CYS B 149 -2.80 -17.64 5.07
C CYS B 149 -2.35 -16.62 4.04
N ARG B 150 -2.92 -16.72 2.85
CA ARG B 150 -2.66 -15.77 1.78
C ARG B 150 -3.75 -14.74 1.98
N VAL B 151 -3.39 -13.48 2.11
CA VAL B 151 -4.38 -12.43 2.30
C VAL B 151 -4.30 -11.42 1.18
N THR B 152 -5.45 -11.20 0.53
CA THR B 152 -5.58 -10.26 -0.57
C THR B 152 -6.00 -8.93 0.05
N LEU B 153 -5.03 -8.04 0.23
CA LEU B 153 -5.28 -6.74 0.82
C LEU B 153 -5.73 -5.66 -0.16
N GLY B 154 -5.37 -5.81 -1.43
CA GLY B 154 -5.75 -4.79 -2.40
C GLY B 154 -5.41 -3.42 -1.86
N LYS B 155 -6.34 -2.48 -1.92
CA LYS B 155 -6.04 -1.15 -1.41
C LYS B 155 -6.35 -1.07 0.08
N SER B 156 -5.31 -0.84 0.87
CA SER B 156 -5.47 -0.77 2.30
C SER B 156 -5.80 0.62 2.81
N PHE B 157 -6.76 0.66 3.73
CA PHE B 157 -7.22 1.86 4.38
C PHE B 157 -6.71 1.78 5.81
N LEU B 158 -5.93 2.78 6.23
CA LEU B 158 -5.35 2.82 7.57
C LEU B 158 -6.23 3.61 8.52
N GLN B 159 -6.63 2.98 9.62
CA GLN B 159 -7.47 3.61 10.63
C GLN B 159 -6.68 3.44 11.91
N PHE B 160 -6.46 4.53 12.63
CA PHE B 160 -5.68 4.47 13.86
C PHE B 160 -6.47 4.33 15.15
N SER B 161 -7.80 4.31 15.08
CA SER B 161 -8.58 4.16 16.30
C SER B 161 -9.88 3.39 16.10
N THR B 162 -10.18 2.49 17.03
CA THR B 162 -11.39 1.69 16.93
C THR B 162 -12.48 2.49 16.22
N MET B 163 -12.93 1.95 15.09
CA MET B 163 -13.98 2.59 14.31
C MET B 163 -14.78 1.44 13.74
N LYS B 164 -16.06 1.37 14.12
CA LYS B 164 -16.95 0.32 13.67
C LYS B 164 -16.59 -0.25 12.29
N MET B 165 -17.36 0.07 11.27
CA MET B 165 -17.11 -0.45 9.93
C MET B 165 -17.63 -1.87 9.76
N ALA B 166 -18.45 -2.03 8.74
CA ALA B 166 -19.04 -3.31 8.41
C ALA B 166 -18.34 -3.82 7.17
N HIS B 167 -17.87 -2.89 6.35
CA HIS B 167 -17.17 -3.22 5.12
C HIS B 167 -15.94 -2.32 5.00
N ALA B 168 -15.11 -2.58 4.00
CA ALA B 168 -13.93 -1.76 3.78
C ALA B 168 -14.36 -0.35 3.36
N PRO B 170 -14.96 3.00 1.07
CA PRO B 170 -15.22 3.13 -0.36
C PRO B 170 -13.91 3.23 -1.14
N GLY B 171 -13.75 2.41 -2.15
CA GLY B 171 -12.51 2.44 -2.92
C GLY B 171 -11.41 1.55 -2.36
N HIS B 172 -11.59 1.02 -1.15
CA HIS B 172 -10.59 0.14 -0.53
C HIS B 172 -11.02 -1.32 -0.40
N HIS B 173 -10.07 -2.19 -0.11
CA HIS B 173 -10.34 -3.62 0.03
C HIS B 173 -9.95 -4.23 1.36
N SER B 174 -9.27 -3.47 2.20
CA SER B 174 -8.86 -3.97 3.50
C SER B 174 -8.62 -2.81 4.44
N VAL B 175 -8.20 -3.13 5.66
CA VAL B 175 -7.89 -2.12 6.67
C VAL B 175 -6.72 -2.58 7.55
N ILE B 176 -5.81 -1.64 7.81
CA ILE B 176 -4.65 -1.90 8.65
C ILE B 176 -4.86 -1.11 9.95
N GLY B 177 -5.08 -1.84 11.04
CA GLY B 177 -5.29 -1.21 12.33
C GLY B 177 -4.01 -0.89 13.06
N ARG B 178 -4.04 0.18 13.84
CA ARG B 178 -2.88 0.64 14.60
C ARG B 178 -3.39 1.27 15.86
N PRO B 179 -4.08 0.49 16.71
CA PRO B 179 -4.66 0.94 17.99
C PRO B 179 -3.64 1.67 18.85
N TYR B 186 1.77 -2.22 16.85
CA TYR B 186 1.75 -3.27 15.82
C TYR B 186 0.44 -3.23 15.04
N ALA B 187 0.53 -3.49 13.74
CA ALA B 187 -0.63 -3.40 12.86
C ALA B 187 -1.48 -4.63 12.60
N GLU B 188 -2.75 -4.51 12.97
CA GLU B 188 -3.74 -5.57 12.77
C GLU B 188 -4.31 -5.44 11.34
N TYR B 189 -4.32 -6.53 10.59
CA TYR B 189 -4.83 -6.51 9.22
C TYR B 189 -6.23 -7.08 9.15
N VAL B 190 -7.16 -6.31 8.59
CA VAL B 190 -8.54 -6.77 8.51
C VAL B 190 -9.12 -6.75 7.09
N ILE B 191 -10.00 -7.71 6.84
CA ILE B 191 -10.69 -7.82 5.56
C ILE B 191 -12.13 -8.02 5.94
N TYR B 192 -13.01 -7.78 4.99
CA TYR B 192 -14.44 -7.89 5.25
C TYR B 192 -15.13 -8.82 4.26
N ARG B 193 -14.32 -9.67 3.63
CA ARG B 193 -14.81 -10.66 2.69
C ARG B 193 -14.00 -11.92 2.93
N GLY B 194 -14.70 -13.00 3.27
CA GLY B 194 -14.04 -14.26 3.54
C GLY B 194 -13.21 -14.76 2.38
N GLU B 195 -13.64 -14.46 1.14
CA GLU B 195 -12.92 -14.90 -0.05
C GLU B 195 -11.61 -14.15 -0.29
N GLN B 196 -11.26 -13.21 0.58
CA GLN B 196 -10.01 -12.48 0.38
C GLN B 196 -8.91 -13.11 1.21
N ALA B 197 -9.21 -14.27 1.79
CA ALA B 197 -8.23 -14.98 2.58
C ALA B 197 -8.32 -16.46 2.29
N TYR B 198 -7.16 -17.09 2.15
CA TYR B 198 -7.08 -18.52 1.91
C TYR B 198 -6.13 -19.13 2.95
N PRO B 199 -6.62 -20.11 3.73
CA PRO B 199 -5.81 -20.75 4.76
C PRO B 199 -4.85 -21.78 4.16
N GLU B 200 -3.72 -21.29 3.67
CA GLU B 200 -2.69 -22.08 3.03
C GLU B 200 -2.09 -23.20 3.90
N TYR B 201 -1.60 -22.85 5.09
CA TYR B 201 -0.97 -23.82 5.98
C TYR B 201 -1.65 -23.98 7.34
N LEU B 202 -1.79 -25.24 7.77
CA LEU B 202 -2.37 -25.52 9.08
C LEU B 202 -1.23 -25.91 10.01
N ILE B 203 -0.95 -25.05 10.97
CA ILE B 203 0.14 -25.27 11.90
C ILE B 203 -0.28 -25.79 13.26
N THR B 204 0.05 -27.05 13.55
CA THR B 204 -0.22 -27.64 14.85
C THR B 204 1.05 -27.36 15.64
N TYR B 205 0.91 -26.87 16.86
CA TYR B 205 2.08 -26.52 17.66
C TYR B 205 1.72 -26.35 19.13
N GLN B 206 2.76 -26.25 19.97
CA GLN B 206 2.61 -26.04 21.39
C GLN B 206 3.55 -24.92 21.79
N ILE B 207 3.23 -24.21 22.87
CA ILE B 207 4.13 -23.18 23.34
C ILE B 207 5.00 -23.97 24.30
N MET B 208 6.27 -23.62 24.41
CA MET B 208 7.18 -24.32 25.30
C MET B 208 7.51 -23.46 26.51
N LYS B 209 7.79 -24.09 27.63
CA LYS B 209 8.12 -23.37 28.84
C LYS B 209 9.50 -22.78 28.66
N PRO B 210 9.74 -21.57 29.19
CA PRO B 210 11.06 -20.95 29.07
C PRO B 210 11.97 -21.87 29.88
N GLU B 211 13.20 -22.07 29.43
CA GLU B 211 14.12 -22.95 30.13
C GLU B 211 15.10 -22.34 31.13
N HIS B 212 15.49 -23.17 32.11
CA HIS B 212 16.43 -22.88 33.21
C HIS B 212 15.88 -23.26 34.58
#